data_6SCD
#
_entry.id   6SCD
#
_cell.length_a   94.526
_cell.length_b   98.268
_cell.length_c   121.233
_cell.angle_alpha   90.000
_cell.angle_beta   90.000
_cell.angle_gamma   90.000
#
_symmetry.space_group_name_H-M   'I 21 21 21'
#
loop_
_entity.id
_entity.type
_entity.pdbx_description
1 polymer 'Polyester hydrolase'
2 non-polymer 'SULFATE ION'
3 non-polymer 'PHOSPHATE ION'
4 non-polymer 'SODIUM ION'
5 non-polymer 'CHLORIDE ION'
6 non-polymer DI(HYDROXYETHYL)ETHER
7 non-polymer GLYCEROL
8 non-polymer 'ACETATE ION'
9 water water
#
_entity_poly.entity_id   1
_entity_poly.type   'polypeptide(L)'
_entity_poly.pdbx_seq_one_letter_code
;MPFNKKSVLALCGAGALLFSMSALANNPAPTDPGDSGGGSAYQRGPDPSVSFLEADRGQYSVRSSRVSSLVSGFGGGTIY
YPTGTTGTMGAVVVIPGFVSAESSIDWWGPKLASYGFVVMTIDTNTGFDQPPSRARQINNALDYLVSQNSRSSSPVRGMI
DTNRLGVIGWSMGGGGTLRVASEGRIKAAIPLAPWDTTSYYASRSQAPTLIFACESDVIAPVLQHASPFYNSLPSSIDKA
FVEINGGSHSCGNGGSIYNDVLSRFGVSWMKLHLDEDSRYKQFLCGPNHTSDSQISDYRGNCPYLEHHHHHH
;
_entity_poly.pdbx_strand_id   A,B
#
loop_
_chem_comp.id
_chem_comp.type
_chem_comp.name
_chem_comp.formula
ACT non-polymer 'ACETATE ION' 'C2 H3 O2 -1'
CL non-polymer 'CHLORIDE ION' 'Cl -1'
GOL non-polymer GLYCEROL 'C3 H8 O3'
NA non-polymer 'SODIUM ION' 'Na 1'
PEG non-polymer DI(HYDROXYETHYL)ETHER 'C4 H10 O3'
PO4 non-polymer 'PHOSPHATE ION' 'O4 P -3'
SO4 non-polymer 'SULFATE ION' 'O4 S -2'
#
# COMPACT_ATOMS: atom_id res chain seq x y z
N SER A 40 38.46 -2.50 -10.69
CA SER A 40 37.64 -1.69 -11.66
C SER A 40 38.05 -0.20 -11.63
N ALA A 41 38.00 0.37 -12.82
CA ALA A 41 38.17 1.84 -12.97
C ALA A 41 37.10 2.68 -12.23
N TYR A 42 35.99 2.07 -11.91
CA TYR A 42 34.83 2.83 -11.40
C TYR A 42 34.71 2.66 -9.92
N GLN A 43 35.55 1.85 -9.30
CA GLN A 43 35.38 1.55 -7.85
C GLN A 43 35.59 2.75 -6.95
N ARG A 44 34.75 2.86 -5.96
CA ARG A 44 34.84 3.88 -4.99
C ARG A 44 34.74 3.30 -3.59
N GLY A 45 35.36 3.95 -2.60
CA GLY A 45 35.14 3.61 -1.24
C GLY A 45 35.96 2.41 -0.69
N PRO A 46 35.83 2.17 0.62
CA PRO A 46 36.61 1.15 1.28
C PRO A 46 36.19 -0.26 0.88
N ASP A 47 37.03 -1.26 1.13
CA ASP A 47 36.57 -2.64 1.00
C ASP A 47 35.40 -2.86 1.94
N PRO A 48 34.31 -3.42 1.39
CA PRO A 48 33.07 -3.41 2.13
C PRO A 48 32.93 -4.58 3.07
N SER A 49 31.95 -4.40 3.98
CA SER A 49 31.53 -5.39 4.93
C SER A 49 30.06 -5.26 5.14
N VAL A 50 29.41 -6.21 5.80
CA VAL A 50 27.99 -6.01 6.19
C VAL A 50 27.85 -4.75 7.08
N SER A 51 28.82 -4.51 7.99
CA SER A 51 28.70 -3.35 8.84
C SER A 51 28.66 -2.04 8.06
N PHE A 52 29.50 -2.00 7.01
CA PHE A 52 29.56 -0.80 6.14
C PHE A 52 28.21 -0.61 5.43
N LEU A 53 27.58 -1.67 4.99
CA LEU A 53 26.29 -1.59 4.32
C LEU A 53 25.15 -1.27 5.28
N GLU A 54 25.21 -1.70 6.55
CA GLU A 54 24.17 -1.53 7.52
C GLU A 54 24.15 -0.08 8.08
N ALA A 55 25.29 0.59 8.02
CA ALA A 55 25.42 1.96 8.51
C ALA A 55 24.47 2.89 7.76
N ASP A 56 24.05 3.93 8.42
CA ASP A 56 23.10 4.82 7.83
C ASP A 56 23.61 5.49 6.54
N ARG A 57 24.90 5.74 6.48
CA ARG A 57 25.51 6.37 5.36
C ARG A 57 26.83 5.63 5.06
N GLY A 58 27.20 5.69 3.81
CA GLY A 58 28.49 5.28 3.34
C GLY A 58 29.59 6.34 3.61
N GLN A 59 30.63 6.30 2.78
CA GLN A 59 31.84 7.05 3.05
C GLN A 59 31.79 8.53 2.72
N TYR A 60 30.80 8.94 1.95
CA TYR A 60 30.69 10.34 1.52
C TYR A 60 29.58 11.06 2.26
N SER A 61 29.85 12.37 2.57
CA SER A 61 28.82 13.29 2.88
C SER A 61 27.93 13.54 1.65
N VAL A 62 26.68 13.99 1.93
CA VAL A 62 25.68 14.18 0.85
C VAL A 62 25.10 15.58 0.98
N ARG A 63 24.81 16.14 -0.16
CA ARG A 63 24.01 17.35 -0.34
C ARG A 63 22.84 17.06 -1.31
N SER A 64 21.90 17.97 -1.33
CA SER A 64 20.76 17.82 -2.19
C SER A 64 20.50 19.12 -2.99
N SER A 65 19.77 18.97 -4.10
CA SER A 65 19.34 20.11 -4.95
C SER A 65 17.97 19.82 -5.47
N ARG A 66 17.07 20.79 -5.31
CA ARG A 66 15.70 20.58 -5.79
C ARG A 66 15.61 20.89 -7.23
N VAL A 67 14.81 20.05 -7.91
CA VAL A 67 14.41 20.21 -9.31
C VAL A 67 12.97 20.56 -9.33
N SER A 68 12.64 21.75 -9.83
CA SER A 68 11.27 22.29 -9.87
C SER A 68 10.33 21.38 -10.61
N SER A 69 9.09 21.29 -10.07
CA SER A 69 8.03 20.62 -10.85
C SER A 69 7.67 21.20 -12.18
N LEU A 70 8.14 22.42 -12.44
CA LEU A 70 7.94 23.03 -13.73
C LEU A 70 8.76 22.35 -14.81
N VAL A 71 9.77 21.52 -14.47
CA VAL A 71 10.62 20.87 -15.44
C VAL A 71 9.73 20.07 -16.40
N SER A 72 10.11 20.04 -17.67
CA SER A 72 9.36 19.17 -18.63
C SER A 72 9.70 17.69 -18.38
N GLY A 73 8.79 16.82 -18.65
CA GLY A 73 9.07 15.42 -18.77
C GLY A 73 8.77 14.56 -17.52
N PHE A 74 8.60 15.19 -16.39
CA PHE A 74 8.36 14.53 -15.09
C PHE A 74 7.97 15.63 -14.12
N GLY A 75 7.65 15.27 -12.87
CA GLY A 75 7.09 16.14 -11.88
C GLY A 75 8.10 16.81 -10.96
N GLY A 76 9.34 16.95 -11.38
CA GLY A 76 10.38 17.45 -10.53
C GLY A 76 10.94 16.41 -9.54
N GLY A 77 11.78 16.85 -8.65
CA GLY A 77 12.37 15.92 -7.72
C GLY A 77 13.53 16.53 -6.98
N THR A 78 14.39 15.67 -6.43
CA THR A 78 15.51 16.08 -5.62
C THR A 78 16.70 15.27 -6.04
N ILE A 79 17.80 15.94 -6.36
CA ILE A 79 19.05 15.32 -6.65
C ILE A 79 19.93 15.26 -5.42
N TYR A 80 20.33 14.03 -5.01
CA TYR A 80 21.27 13.82 -3.88
C TYR A 80 22.60 13.40 -4.51
N TYR A 81 23.65 13.97 -3.96
CA TYR A 81 24.97 13.76 -4.51
C TYR A 81 26.03 13.84 -3.37
N PRO A 82 27.15 13.10 -3.57
CA PRO A 82 28.17 13.16 -2.53
C PRO A 82 29.03 14.41 -2.76
N THR A 83 29.57 14.91 -1.68
CA THR A 83 30.48 16.09 -1.68
C THR A 83 31.89 15.58 -1.50
N GLY A 84 32.83 16.43 -1.93
CA GLY A 84 34.23 16.11 -1.70
C GLY A 84 34.90 15.14 -2.69
N THR A 85 34.21 14.75 -3.80
CA THR A 85 34.61 13.70 -4.63
C THR A 85 35.26 14.28 -5.86
N THR A 86 36.00 13.44 -6.60
CA THR A 86 36.41 13.78 -7.96
C THR A 86 36.03 12.67 -8.95
N GLY A 87 35.98 12.97 -10.23
CA GLY A 87 35.70 12.01 -11.22
C GLY A 87 34.23 11.85 -11.39
N THR A 88 33.88 10.88 -12.22
CA THR A 88 32.50 10.67 -12.51
C THR A 88 31.94 9.34 -11.85
N MET A 89 30.62 9.32 -11.67
CA MET A 89 29.97 8.20 -10.95
C MET A 89 28.66 7.82 -11.60
N GLY A 90 28.14 6.63 -11.27
CA GLY A 90 26.87 6.26 -11.73
C GLY A 90 25.75 7.15 -11.22
N ALA A 91 24.65 7.16 -12.01
CA ALA A 91 23.50 7.97 -11.63
C ALA A 91 22.23 7.06 -11.66
N VAL A 92 21.32 7.36 -10.74
CA VAL A 92 20.17 6.54 -10.49
C VAL A 92 18.92 7.50 -10.32
N VAL A 93 17.83 7.06 -10.97
CA VAL A 93 16.50 7.65 -10.76
C VAL A 93 15.68 6.75 -9.87
N VAL A 94 14.95 7.33 -8.92
CA VAL A 94 14.08 6.60 -8.03
C VAL A 94 12.65 7.20 -8.15
N ILE A 95 11.64 6.32 -8.41
CA ILE A 95 10.32 6.73 -8.70
C ILE A 95 9.28 6.03 -7.82
N PRO A 96 8.22 6.76 -7.38
CA PRO A 96 7.19 6.13 -6.54
C PRO A 96 6.10 5.43 -7.34
N GLY A 97 5.04 4.96 -6.65
CA GLY A 97 3.89 4.32 -7.22
C GLY A 97 2.68 5.23 -7.24
N PHE A 98 1.53 4.62 -7.59
CA PHE A 98 0.21 5.29 -7.71
C PHE A 98 -0.04 6.14 -6.50
N VAL A 99 -0.49 7.40 -6.76
CA VAL A 99 -0.84 8.45 -5.82
C VAL A 99 0.15 8.52 -4.69
N SER A 100 1.42 8.32 -4.95
CA SER A 100 2.47 8.60 -3.96
CA SER A 100 2.45 8.61 -3.94
C SER A 100 3.47 9.63 -4.46
N ALA A 101 4.03 10.35 -3.55
CA ALA A 101 5.03 11.36 -3.84
C ALA A 101 6.43 10.91 -3.67
N GLU A 102 7.40 11.71 -4.07
CA GLU A 102 8.81 11.39 -3.90
C GLU A 102 9.20 11.04 -2.48
N SER A 103 8.47 11.63 -1.49
CA SER A 103 8.85 11.31 -0.13
C SER A 103 8.73 9.84 0.19
N SER A 104 7.82 9.15 -0.49
CA SER A 104 7.61 7.76 -0.18
C SER A 104 8.91 6.91 -0.31
N ILE A 105 9.72 7.24 -1.28
CA ILE A 105 10.88 6.43 -1.64
C ILE A 105 12.20 7.15 -1.38
N ASP A 106 12.16 8.28 -0.71
CA ASP A 106 13.35 9.11 -0.57
C ASP A 106 14.41 8.60 0.35
N TRP A 107 14.18 7.52 1.11
CA TRP A 107 15.26 6.91 1.88
C TRP A 107 16.43 6.57 0.94
N TRP A 108 16.14 6.09 -0.26
CA TRP A 108 17.12 5.64 -1.18
C TRP A 108 18.10 6.73 -1.62
N GLY A 109 17.67 7.99 -1.60
CA GLY A 109 18.43 9.09 -2.13
C GLY A 109 19.76 9.31 -1.37
N PRO A 110 19.68 9.76 -0.11
CA PRO A 110 20.91 9.93 0.66
C PRO A 110 21.61 8.64 0.94
N LYS A 111 20.88 7.56 1.13
CA LYS A 111 21.56 6.30 1.44
C LYS A 111 22.46 5.97 0.30
N LEU A 112 21.92 5.83 -0.91
CA LEU A 112 22.71 5.35 -2.03
C LEU A 112 23.78 6.42 -2.43
N ALA A 113 23.39 7.71 -2.40
CA ALA A 113 24.36 8.74 -2.80
C ALA A 113 25.65 8.69 -2.00
N SER A 114 25.48 8.42 -0.69
CA SER A 114 26.62 8.42 0.24
C SER A 114 27.63 7.34 -0.05
N TYR A 115 27.34 6.35 -0.87
CA TYR A 115 28.34 5.37 -1.26
C TYR A 115 29.06 5.74 -2.55
N GLY A 116 28.57 6.79 -3.26
CA GLY A 116 29.19 7.23 -4.46
C GLY A 116 28.30 7.07 -5.73
N PHE A 117 27.13 7.73 -5.71
CA PHE A 117 26.21 7.76 -6.83
C PHE A 117 25.53 9.13 -6.77
N VAL A 118 25.11 9.62 -7.98
CA VAL A 118 24.18 10.70 -8.04
C VAL A 118 22.76 10.12 -8.12
N VAL A 119 21.86 10.48 -7.22
CA VAL A 119 20.58 9.79 -7.07
C VAL A 119 19.50 10.84 -7.08
N MET A 120 18.56 10.77 -8.05
CA MET A 120 17.46 11.72 -8.14
C MET A 120 16.13 11.01 -7.83
N THR A 121 15.47 11.42 -6.76
CA THR A 121 14.14 10.95 -6.44
C THR A 121 13.15 11.87 -7.18
N ILE A 122 12.16 11.30 -7.83
CA ILE A 122 11.26 12.11 -8.65
C ILE A 122 9.84 11.97 -8.23
N ASP A 123 9.07 13.01 -8.54
CA ASP A 123 7.60 12.95 -8.66
C ASP A 123 7.18 12.73 -10.11
N THR A 124 5.99 12.17 -10.26
CA THR A 124 5.40 12.08 -11.57
C THR A 124 4.45 13.27 -11.83
N ASN A 125 4.03 13.39 -13.08
CA ASN A 125 3.12 14.52 -13.45
C ASN A 125 1.82 14.50 -12.68
N THR A 126 1.31 13.28 -12.49
CA THR A 126 0.15 13.15 -11.61
C THR A 126 0.38 11.79 -10.88
N GLY A 127 -0.22 11.73 -9.69
CA GLY A 127 -0.28 10.49 -8.97
C GLY A 127 -1.03 9.40 -9.73
N PHE A 128 -1.90 9.77 -10.64
CA PHE A 128 -2.70 8.77 -11.36
C PHE A 128 -1.99 8.15 -12.55
N ASP A 129 -0.71 8.47 -12.80
CA ASP A 129 0.02 7.85 -13.89
C ASP A 129 0.16 6.36 -13.67
N GLN A 130 0.02 5.64 -14.76
CA GLN A 130 0.17 4.20 -14.83
CA GLN A 130 0.17 4.20 -14.87
C GLN A 130 1.54 3.78 -15.35
N PRO A 131 1.92 2.48 -15.38
CA PRO A 131 3.28 2.13 -15.69
C PRO A 131 3.86 2.64 -17.02
N PRO A 132 3.09 2.66 -18.12
CA PRO A 132 3.69 3.15 -19.37
C PRO A 132 4.13 4.63 -19.24
N SER A 133 3.27 5.44 -18.65
CA SER A 133 3.57 6.88 -18.42
C SER A 133 4.79 6.97 -17.49
N ARG A 134 4.80 6.16 -16.42
CA ARG A 134 5.92 6.21 -15.50
C ARG A 134 7.22 5.83 -16.20
N ALA A 135 7.22 4.86 -17.11
CA ALA A 135 8.44 4.53 -17.84
C ALA A 135 8.95 5.75 -18.65
N ARG A 136 7.98 6.40 -19.33
CA ARG A 136 8.39 7.60 -20.10
C ARG A 136 9.02 8.61 -19.15
N GLN A 137 8.46 8.83 -17.97
CA GLN A 137 9.00 9.84 -17.07
C GLN A 137 10.35 9.43 -16.47
N ILE A 138 10.56 8.12 -16.23
CA ILE A 138 11.89 7.67 -15.82
C ILE A 138 12.87 8.05 -16.89
N ASN A 139 12.59 7.79 -18.17
CA ASN A 139 13.50 8.11 -19.24
C ASN A 139 13.76 9.62 -19.35
N ASN A 140 12.73 10.44 -19.15
CA ASN A 140 12.94 11.87 -19.19
C ASN A 140 13.77 12.30 -17.98
N ALA A 141 13.60 11.68 -16.83
CA ALA A 141 14.45 12.05 -15.69
C ALA A 141 15.93 11.63 -15.90
N LEU A 142 16.17 10.46 -16.49
CA LEU A 142 17.49 10.05 -16.84
C LEU A 142 18.10 11.05 -17.83
N ASP A 143 17.32 11.48 -18.85
CA ASP A 143 17.84 12.44 -19.82
C ASP A 143 18.18 13.77 -19.10
N TYR A 144 17.34 14.14 -18.13
CA TYR A 144 17.60 15.33 -17.39
C TYR A 144 18.94 15.25 -16.63
N LEU A 145 19.20 14.17 -15.96
CA LEU A 145 20.50 14.04 -15.27
C LEU A 145 21.67 14.05 -16.25
N VAL A 146 21.49 13.34 -17.36
CA VAL A 146 22.52 13.35 -18.38
C VAL A 146 22.84 14.79 -18.81
N SER A 147 21.80 15.59 -19.05
CA SER A 147 22.03 16.95 -19.41
C SER A 147 22.71 17.83 -18.37
N GLN A 148 22.47 17.52 -17.09
CA GLN A 148 23.07 18.32 -16.02
C GLN A 148 24.53 18.11 -15.95
N ASN A 149 25.01 16.99 -16.45
CA ASN A 149 26.45 16.76 -16.35
C ASN A 149 27.26 17.81 -17.11
N SER A 150 26.66 18.43 -18.17
CA SER A 150 27.47 19.35 -18.96
C SER A 150 26.97 20.76 -18.77
N ARG A 151 26.18 21.06 -17.74
CA ARG A 151 25.70 22.42 -17.50
C ARG A 151 26.60 23.06 -16.49
N SER A 152 27.22 24.19 -16.85
CA SER A 152 28.25 24.82 -16.00
C SER A 152 27.61 25.29 -14.67
N SER A 153 26.27 25.61 -14.61
CA SER A 153 25.64 26.02 -13.37
C SER A 153 25.15 24.86 -12.50
N SER A 154 25.24 23.62 -12.97
CA SER A 154 24.66 22.54 -12.20
C SER A 154 25.58 22.08 -11.02
N PRO A 155 25.02 21.88 -9.80
CA PRO A 155 25.83 21.26 -8.74
C PRO A 155 26.40 19.88 -9.01
N VAL A 156 25.81 19.19 -9.98
CA VAL A 156 26.38 17.91 -10.39
C VAL A 156 27.17 17.90 -11.70
N ARG A 157 27.54 19.13 -12.18
CA ARG A 157 28.34 19.21 -13.39
C ARG A 157 29.61 18.34 -13.23
N GLY A 158 29.90 17.57 -14.27
CA GLY A 158 31.08 16.73 -14.37
C GLY A 158 31.05 15.52 -13.46
N MET A 159 29.99 15.27 -12.71
CA MET A 159 29.96 14.16 -11.74
CA MET A 159 29.96 14.15 -11.75
C MET A 159 29.41 12.87 -12.26
N ILE A 160 28.71 12.93 -13.39
CA ILE A 160 27.89 11.82 -13.88
C ILE A 160 28.55 11.12 -15.05
N ASP A 161 28.75 9.82 -14.89
CA ASP A 161 29.14 9.00 -16.01
C ASP A 161 27.88 8.64 -16.74
N THR A 162 27.65 9.31 -17.86
CA THR A 162 26.37 9.21 -18.53
C THR A 162 26.14 7.89 -19.26
N ASN A 163 27.09 6.95 -19.17
CA ASN A 163 26.95 5.58 -19.65
C ASN A 163 26.64 4.58 -18.54
N ARG A 164 26.50 5.05 -17.29
CA ARG A 164 26.29 4.15 -16.12
C ARG A 164 25.06 4.53 -15.32
N LEU A 165 23.90 4.14 -15.83
CA LEU A 165 22.64 4.60 -15.27
C LEU A 165 21.78 3.46 -14.70
N GLY A 166 21.19 3.76 -13.57
CA GLY A 166 20.28 2.79 -12.92
C GLY A 166 18.94 3.36 -12.55
N VAL A 167 18.00 2.46 -12.23
CA VAL A 167 16.65 2.88 -11.86
C VAL A 167 16.11 2.03 -10.71
N ILE A 168 15.43 2.66 -9.78
CA ILE A 168 14.74 2.01 -8.66
C ILE A 168 13.32 2.52 -8.70
N GLY A 169 12.30 1.67 -8.58
CA GLY A 169 10.91 2.16 -8.67
C GLY A 169 9.93 1.29 -7.92
N TRP A 170 9.01 1.95 -7.23
CA TRP A 170 8.01 1.29 -6.41
C TRP A 170 6.70 1.06 -7.12
N SER A 171 6.23 -0.20 -7.14
CA SER A 171 4.85 -0.57 -7.50
C SER A 171 4.63 -0.24 -8.92
N MET A 172 3.71 0.63 -9.33
CA MET A 172 3.60 1.00 -10.74
CA MET A 172 3.61 0.97 -10.77
C MET A 172 4.89 1.64 -11.29
N GLY A 173 5.62 2.31 -10.37
CA GLY A 173 6.95 2.76 -10.80
C GLY A 173 7.96 1.64 -11.01
N GLY A 174 7.74 0.52 -10.32
CA GLY A 174 8.49 -0.70 -10.57
C GLY A 174 8.13 -1.42 -11.87
N GLY A 175 6.86 -1.36 -12.25
CA GLY A 175 6.46 -1.76 -13.64
C GLY A 175 7.17 -0.84 -14.67
N GLY A 176 7.19 0.48 -14.40
CA GLY A 176 7.92 1.42 -15.21
C GLY A 176 9.39 1.05 -15.29
N THR A 177 10.00 0.67 -14.16
CA THR A 177 11.38 0.28 -14.11
C THR A 177 11.66 -0.89 -15.06
N LEU A 178 10.82 -1.94 -15.01
CA LEU A 178 11.00 -3.09 -15.87
C LEU A 178 10.86 -2.73 -17.36
N ARG A 179 9.93 -1.80 -17.69
CA ARG A 179 9.78 -1.30 -19.02
C ARG A 179 11.08 -0.67 -19.47
N VAL A 180 11.66 0.23 -18.67
CA VAL A 180 12.92 0.86 -19.02
C VAL A 180 14.04 -0.15 -19.11
N ALA A 181 14.08 -1.12 -18.23
CA ALA A 181 15.14 -2.14 -18.23
C ALA A 181 15.11 -2.90 -19.61
N SER A 182 13.95 -3.02 -20.24
CA SER A 182 13.84 -3.72 -21.51
C SER A 182 14.35 -2.94 -22.70
N GLU A 183 14.67 -1.67 -22.50
CA GLU A 183 15.02 -0.78 -23.61
C GLU A 183 16.49 -0.71 -23.95
N GLY A 184 17.37 -1.17 -23.07
CA GLY A 184 18.77 -1.30 -23.38
C GLY A 184 19.74 -0.23 -22.98
N ARG A 185 19.24 0.84 -22.40
CA ARG A 185 20.12 1.90 -21.92
C ARG A 185 20.64 1.68 -20.51
N ILE A 186 19.74 1.45 -19.59
CA ILE A 186 20.14 1.35 -18.18
C ILE A 186 20.94 0.02 -17.91
N LYS A 187 21.81 0.10 -16.91
CA LYS A 187 22.73 -0.98 -16.55
C LYS A 187 22.36 -1.65 -15.26
N ALA A 188 21.29 -1.17 -14.57
CA ALA A 188 20.83 -1.84 -13.31
C ALA A 188 19.43 -1.41 -13.05
N ALA A 189 18.62 -2.34 -12.58
CA ALA A 189 17.17 -2.10 -12.29
C ALA A 189 16.80 -2.75 -10.97
N ILE A 190 16.12 -2.01 -10.13
CA ILE A 190 15.60 -2.48 -8.84
C ILE A 190 14.09 -2.13 -8.72
N PRO A 191 13.22 -3.01 -9.21
CA PRO A 191 11.82 -2.85 -8.92
C PRO A 191 11.48 -3.18 -7.44
N LEU A 192 10.73 -2.33 -6.78
CA LEU A 192 10.32 -2.51 -5.41
C LEU A 192 8.82 -2.82 -5.42
N ALA A 193 8.43 -4.02 -4.98
CA ALA A 193 7.01 -4.40 -4.94
C ALA A 193 6.32 -4.01 -6.25
N PRO A 194 6.87 -4.45 -7.37
CA PRO A 194 6.39 -3.96 -8.68
C PRO A 194 4.93 -4.32 -8.94
N TRP A 195 4.29 -3.51 -9.76
CA TRP A 195 2.95 -3.70 -10.26
C TRP A 195 2.95 -3.40 -11.76
N ASP A 196 2.36 -4.30 -12.56
CA ASP A 196 2.08 -4.03 -13.95
C ASP A 196 1.03 -4.99 -14.47
N THR A 197 0.60 -4.76 -15.68
CA THR A 197 -0.48 -5.47 -16.32
C THR A 197 0.02 -6.65 -17.19
N THR A 198 1.31 -6.84 -17.32
CA THR A 198 1.95 -7.78 -18.21
C THR A 198 3.33 -8.11 -17.68
N SER A 199 3.81 -9.33 -18.00
CA SER A 199 5.17 -9.73 -17.82
C SER A 199 6.03 -9.52 -19.11
N TYR A 200 5.44 -8.90 -20.13
CA TYR A 200 6.14 -8.79 -21.41
C TYR A 200 7.47 -8.06 -21.25
N TYR A 201 7.46 -6.96 -20.50
CA TYR A 201 8.69 -6.19 -20.43
C TYR A 201 9.77 -6.85 -19.53
N ALA A 202 9.34 -7.46 -18.42
CA ALA A 202 10.23 -8.26 -17.63
C ALA A 202 10.89 -9.34 -18.51
N SER A 203 10.13 -9.99 -19.41
CA SER A 203 10.74 -11.04 -20.23
CA SER A 203 10.72 -11.03 -20.29
C SER A 203 11.79 -10.56 -21.19
N ARG A 204 11.80 -9.24 -21.40
CA ARG A 204 12.74 -8.56 -22.32
C ARG A 204 13.79 -7.72 -21.61
N SER A 205 13.95 -7.86 -20.30
CA SER A 205 14.93 -7.05 -19.54
C SER A 205 16.32 -7.26 -20.14
N GLN A 206 17.01 -6.12 -20.34
CA GLN A 206 18.36 -6.08 -20.78
C GLN A 206 19.35 -5.65 -19.70
N ALA A 207 18.89 -5.45 -18.49
CA ALA A 207 19.73 -4.96 -17.43
C ALA A 207 19.64 -5.94 -16.25
N PRO A 208 20.76 -6.10 -15.50
CA PRO A 208 20.72 -6.88 -14.23
C PRO A 208 19.58 -6.33 -13.32
N THR A 209 18.69 -7.25 -12.90
CA THR A 209 17.46 -6.88 -12.25
C THR A 209 17.34 -7.58 -10.95
N LEU A 210 17.18 -6.77 -9.89
CA LEU A 210 16.88 -7.24 -8.49
C LEU A 210 15.52 -6.79 -8.15
N ILE A 211 14.61 -7.76 -7.94
CA ILE A 211 13.25 -7.46 -7.50
C ILE A 211 13.11 -7.68 -6.01
N PHE A 212 12.74 -6.66 -5.27
CA PHE A 212 12.30 -6.79 -3.91
C PHE A 212 10.79 -7.00 -3.89
N ALA A 213 10.35 -8.07 -3.22
CA ALA A 213 8.96 -8.45 -3.05
C ALA A 213 8.62 -8.29 -1.59
N CYS A 214 7.34 -8.05 -1.33
CA CYS A 214 6.86 -7.89 0.03
C CYS A 214 5.89 -9.00 0.38
N GLU A 215 6.24 -9.87 1.32
CA GLU A 215 5.46 -11.09 1.48
C GLU A 215 3.97 -10.87 1.67
N SER A 216 3.64 -9.90 2.51
CA SER A 216 2.27 -9.65 2.89
C SER A 216 1.54 -8.65 1.99
N ASP A 217 2.09 -8.35 0.80
CA ASP A 217 1.56 -7.31 -0.06
C ASP A 217 0.12 -7.67 -0.52
N VAL A 218 -0.83 -6.76 -0.25
CA VAL A 218 -2.17 -6.91 -0.79
C VAL A 218 -2.50 -5.93 -1.88
N ILE A 219 -1.60 -5.00 -2.19
CA ILE A 219 -1.80 -4.03 -3.24
C ILE A 219 -1.22 -4.48 -4.55
N ALA A 220 0.02 -5.00 -4.54
CA ALA A 220 0.62 -5.67 -5.71
C ALA A 220 0.96 -7.07 -5.28
N PRO A 221 -0.02 -7.99 -5.15
CA PRO A 221 0.26 -9.32 -4.58
C PRO A 221 1.42 -9.98 -5.35
N VAL A 222 2.32 -10.61 -4.54
CA VAL A 222 3.48 -11.24 -5.14
C VAL A 222 3.16 -12.27 -6.19
N LEU A 223 2.07 -13.05 -5.94
CA LEU A 223 1.75 -14.10 -6.90
C LEU A 223 1.27 -13.60 -8.26
N GLN A 224 0.78 -12.31 -8.28
CA GLN A 224 0.30 -11.74 -9.52
C GLN A 224 1.28 -10.77 -10.15
N HIS A 225 2.32 -10.35 -9.46
CA HIS A 225 3.20 -9.26 -9.92
C HIS A 225 4.68 -9.67 -9.73
N ALA A 226 5.24 -9.40 -8.53
CA ALA A 226 6.68 -9.60 -8.41
C ALA A 226 7.17 -10.98 -8.80
N SER A 227 6.45 -12.04 -8.40
CA SER A 227 6.90 -13.43 -8.69
C SER A 227 6.86 -13.74 -10.20
N PRO A 228 5.72 -13.56 -10.91
CA PRO A 228 5.79 -13.80 -12.36
C PRO A 228 6.76 -12.89 -13.07
N PHE A 229 6.91 -11.65 -12.64
CA PHE A 229 7.90 -10.81 -13.32
C PHE A 229 9.30 -11.32 -13.18
N TYR A 230 9.66 -11.74 -11.96
CA TYR A 230 10.99 -12.34 -11.78
C TYR A 230 11.20 -13.61 -12.66
N ASN A 231 10.13 -14.43 -12.57
CA ASN A 231 10.20 -15.74 -13.26
C ASN A 231 10.34 -15.58 -14.76
N SER A 232 9.93 -14.45 -15.28
CA SER A 232 9.99 -14.15 -16.71
C SER A 232 11.30 -13.59 -17.16
N LEU A 233 12.16 -13.12 -16.25
CA LEU A 233 13.40 -12.46 -16.59
C LEU A 233 14.25 -13.43 -17.40
N PRO A 234 15.01 -12.89 -18.35
CA PRO A 234 15.88 -13.77 -19.18
C PRO A 234 17.03 -14.42 -18.32
N SER A 235 17.58 -15.55 -18.90
CA SER A 235 18.68 -16.21 -18.24
CA SER A 235 18.65 -16.23 -18.30
C SER A 235 19.97 -15.49 -18.45
N SER A 236 20.02 -14.55 -19.37
CA SER A 236 21.26 -13.89 -19.77
C SER A 236 21.66 -12.66 -18.98
N ILE A 237 20.92 -12.31 -17.96
CA ILE A 237 21.23 -11.16 -17.13
C ILE A 237 21.44 -11.68 -15.70
N ASP A 238 22.27 -11.05 -14.93
CA ASP A 238 22.27 -11.25 -13.52
C ASP A 238 20.89 -10.89 -12.94
N LYS A 239 20.36 -11.72 -12.04
CA LYS A 239 19.05 -11.45 -11.47
C LYS A 239 18.92 -11.99 -10.07
N ALA A 240 18.00 -11.39 -9.31
CA ALA A 240 17.74 -11.82 -7.96
C ALA A 240 16.31 -11.45 -7.60
N PHE A 241 15.71 -12.23 -6.73
CA PHE A 241 14.37 -12.02 -6.12
C PHE A 241 14.56 -12.11 -4.63
N VAL A 242 14.20 -11.01 -3.91
CA VAL A 242 14.34 -10.99 -2.45
C VAL A 242 13.00 -10.62 -1.89
N GLU A 243 12.33 -11.61 -1.26
CA GLU A 243 11.03 -11.38 -0.67
CA GLU A 243 11.03 -11.37 -0.67
C GLU A 243 11.19 -11.16 0.81
N ILE A 244 10.71 -10.02 1.30
CA ILE A 244 10.91 -9.57 2.65
C ILE A 244 9.79 -10.15 3.53
N ASN A 245 10.23 -10.85 4.59
CA ASN A 245 9.37 -11.56 5.49
C ASN A 245 8.41 -10.67 6.19
N GLY A 246 7.10 -10.92 6.07
CA GLY A 246 6.06 -10.14 6.67
C GLY A 246 5.82 -8.76 6.08
N GLY A 247 6.51 -8.44 5.01
CA GLY A 247 6.48 -7.01 4.55
C GLY A 247 5.14 -6.64 3.92
N SER A 248 4.60 -5.47 4.33
CA SER A 248 3.51 -4.90 3.59
C SER A 248 4.08 -4.27 2.30
N HIS A 249 3.17 -3.70 1.49
CA HIS A 249 3.51 -3.18 0.19
C HIS A 249 4.64 -2.10 0.15
N SER A 250 4.81 -1.39 1.28
CA SER A 250 5.81 -0.36 1.38
C SER A 250 7.18 -0.94 1.84
N CYS A 251 7.36 -2.27 1.89
CA CYS A 251 8.51 -2.83 2.54
C CYS A 251 9.83 -2.53 1.85
N GLY A 252 9.83 -2.22 0.58
CA GLY A 252 11.04 -1.88 -0.12
C GLY A 252 11.44 -0.42 -0.14
N ASN A 253 10.60 0.41 0.52
CA ASN A 253 10.77 1.85 0.36
C ASN A 253 11.92 2.41 1.18
N GLY A 254 12.30 1.71 2.27
CA GLY A 254 13.33 2.14 3.18
C GLY A 254 12.78 3.03 4.28
N GLY A 255 13.57 3.16 5.35
CA GLY A 255 13.23 4.03 6.39
C GLY A 255 12.37 3.48 7.54
N SER A 256 12.17 2.17 7.59
CA SER A 256 11.47 1.50 8.64
C SER A 256 12.32 0.41 9.20
N ILE A 257 11.81 -0.83 9.27
CA ILE A 257 12.47 -1.94 9.96
C ILE A 257 13.16 -2.91 9.06
N TYR A 258 13.32 -2.60 7.75
CA TYR A 258 13.85 -3.50 6.77
C TYR A 258 15.17 -3.01 6.15
N ASN A 259 15.81 -2.00 6.76
CA ASN A 259 16.96 -1.37 6.11
C ASN A 259 18.15 -2.32 5.94
N ASP A 260 18.27 -3.34 6.79
CA ASP A 260 19.43 -4.20 6.67
C ASP A 260 19.44 -4.98 5.32
N VAL A 261 18.33 -5.66 5.04
CA VAL A 261 18.26 -6.40 3.79
C VAL A 261 18.29 -5.46 2.57
N LEU A 262 17.55 -4.32 2.67
CA LEU A 262 17.50 -3.36 1.55
C LEU A 262 18.88 -2.86 1.24
N SER A 263 19.67 -2.56 2.27
CA SER A 263 21.00 -2.02 2.08
C SER A 263 21.92 -3.08 1.53
N ARG A 264 21.93 -4.26 2.10
CA ARG A 264 22.88 -5.25 1.71
C ARG A 264 22.72 -5.68 0.27
N PHE A 265 21.46 -5.87 -0.14
CA PHE A 265 21.19 -6.23 -1.53
C PHE A 265 21.24 -5.03 -2.45
N GLY A 266 20.58 -3.93 -2.06
CA GLY A 266 20.40 -2.80 -2.98
C GLY A 266 21.67 -2.03 -3.28
N VAL A 267 22.44 -1.68 -2.22
CA VAL A 267 23.69 -0.99 -2.52
C VAL A 267 24.62 -1.90 -3.30
N SER A 268 24.71 -3.18 -2.88
CA SER A 268 25.58 -4.12 -3.59
C SER A 268 25.17 -4.26 -5.08
N TRP A 269 23.83 -4.24 -5.36
CA TRP A 269 23.41 -4.43 -6.69
C TRP A 269 23.95 -3.27 -7.60
N MET A 270 23.84 -2.04 -7.08
CA MET A 270 24.33 -0.92 -7.85
C MET A 270 25.85 -0.86 -7.95
N LYS A 271 26.53 -1.26 -6.88
CA LYS A 271 27.98 -1.34 -6.94
C LYS A 271 28.47 -2.32 -7.99
N LEU A 272 27.89 -3.54 -7.94
CA LEU A 272 28.33 -4.59 -8.86
C LEU A 272 27.98 -4.22 -10.34
N HIS A 273 26.75 -3.70 -10.54
CA HIS A 273 26.23 -3.53 -11.94
C HIS A 273 26.50 -2.14 -12.51
N LEU A 274 26.52 -1.08 -11.72
CA LEU A 274 26.90 0.19 -12.25
C LEU A 274 28.43 0.41 -12.20
N ASP A 275 29.10 -0.05 -11.15
CA ASP A 275 30.54 0.24 -10.98
C ASP A 275 31.34 -0.95 -11.39
N GLU A 276 30.79 -2.10 -11.75
CA GLU A 276 31.61 -3.31 -12.02
C GLU A 276 32.50 -3.62 -10.83
N ASP A 277 31.98 -3.41 -9.59
CA ASP A 277 32.82 -3.51 -8.36
C ASP A 277 32.62 -4.90 -7.76
N SER A 278 33.51 -5.83 -8.15
CA SER A 278 33.37 -7.20 -7.78
CA SER A 278 33.49 -7.22 -7.78
C SER A 278 33.57 -7.44 -6.26
N ARG A 279 34.01 -6.40 -5.52
CA ARG A 279 34.07 -6.52 -4.04
C ARG A 279 32.68 -6.71 -3.40
N TYR A 280 31.64 -6.39 -4.17
CA TYR A 280 30.28 -6.53 -3.67
C TYR A 280 29.62 -7.87 -4.06
N LYS A 281 30.30 -8.70 -4.86
CA LYS A 281 29.74 -10.04 -5.12
C LYS A 281 29.51 -10.82 -3.86
N GLN A 282 30.37 -10.67 -2.86
CA GLN A 282 30.30 -11.49 -1.64
C GLN A 282 28.94 -11.34 -0.92
N PHE A 283 28.25 -10.22 -1.12
CA PHE A 283 26.95 -10.04 -0.45
C PHE A 283 25.78 -10.69 -1.26
N LEU A 284 26.00 -10.83 -2.55
CA LEU A 284 24.95 -11.24 -3.46
C LEU A 284 25.01 -12.72 -3.76
N CYS A 285 26.21 -13.30 -3.74
CA CYS A 285 26.42 -14.71 -4.10
C CYS A 285 27.34 -15.36 -3.12
N GLY A 286 26.86 -16.42 -2.42
CA GLY A 286 27.58 -17.07 -1.35
C GLY A 286 26.70 -17.32 -0.20
N PRO A 287 26.12 -16.28 0.37
CA PRO A 287 25.36 -16.46 1.58
C PRO A 287 24.09 -17.28 1.36
N ASN A 288 23.63 -17.89 2.42
CA ASN A 288 22.38 -18.63 2.47
C ASN A 288 21.25 -17.60 2.72
N HIS A 289 20.78 -16.95 1.61
CA HIS A 289 19.88 -15.84 1.77
C HIS A 289 18.57 -16.19 2.47
N THR A 290 17.94 -17.31 2.07
CA THR A 290 16.67 -17.61 2.68
C THR A 290 16.72 -17.80 4.13
N SER A 291 17.86 -18.22 4.65
CA SER A 291 17.99 -18.42 6.09
CA SER A 291 18.02 -18.43 6.09
C SER A 291 17.94 -17.11 6.91
N ASP A 292 18.20 -15.94 6.24
CA ASP A 292 18.08 -14.68 6.92
C ASP A 292 16.65 -14.52 7.48
N SER A 293 16.53 -14.07 8.70
CA SER A 293 15.20 -13.87 9.32
C SER A 293 14.33 -12.88 8.54
N GLN A 294 14.97 -11.92 7.89
CA GLN A 294 14.25 -10.88 7.14
C GLN A 294 13.78 -11.37 5.72
N ILE A 295 14.19 -12.55 5.27
CA ILE A 295 13.92 -13.00 3.93
C ILE A 295 13.06 -14.24 4.01
N SER A 296 11.87 -14.11 3.41
CA SER A 296 10.98 -15.29 3.32
C SER A 296 11.16 -16.10 2.03
N ASP A 297 11.79 -15.53 1.01
CA ASP A 297 12.05 -16.22 -0.21
C ASP A 297 13.19 -15.50 -0.96
N TYR A 298 14.03 -16.31 -1.60
CA TYR A 298 15.10 -15.82 -2.42
C TYR A 298 15.18 -16.65 -3.69
N ARG A 299 15.46 -16.06 -4.82
CA ARG A 299 15.76 -16.74 -6.06
C ARG A 299 16.89 -15.94 -6.75
N GLY A 300 17.71 -16.60 -7.53
CA GLY A 300 18.69 -15.92 -8.34
C GLY A 300 19.52 -16.85 -9.17
N ASN A 301 20.41 -16.28 -10.01
CA ASN A 301 21.22 -17.08 -10.86
C ASN A 301 22.74 -16.86 -10.63
N CYS A 302 23.08 -16.80 -9.34
CA CYS A 302 24.52 -16.89 -9.00
C CYS A 302 25.12 -18.20 -9.54
N PRO A 303 26.41 -18.20 -9.77
CA PRO A 303 27.35 -17.08 -9.62
C PRO A 303 27.22 -16.10 -10.78
N TYR A 304 27.48 -14.82 -10.49
CA TYR A 304 27.42 -13.74 -11.46
C TYR A 304 28.79 -13.67 -12.11
N LEU A 305 28.83 -13.64 -13.41
CA LEU A 305 30.13 -13.77 -14.18
C LEU A 305 30.30 -12.59 -15.09
N SER B 40 -32.08 -3.22 23.53
CA SER B 40 -32.46 -3.08 22.08
C SER B 40 -33.22 -4.32 21.63
N ALA B 41 -34.30 -4.01 20.88
CA ALA B 41 -34.93 -5.00 20.03
C ALA B 41 -34.05 -5.64 18.95
N TYR B 42 -32.86 -5.10 18.66
CA TYR B 42 -32.08 -5.60 17.55
C TYR B 42 -30.86 -6.45 18.02
N GLN B 43 -30.76 -6.58 19.34
CA GLN B 43 -29.54 -7.15 19.91
C GLN B 43 -29.44 -8.61 19.63
N ARG B 44 -28.19 -9.09 19.34
CA ARG B 44 -27.97 -10.53 19.11
C ARG B 44 -26.72 -10.93 19.91
N GLY B 45 -26.73 -12.19 20.34
CA GLY B 45 -25.52 -12.83 20.81
C GLY B 45 -25.23 -12.56 22.27
N PRO B 46 -24.17 -13.21 22.78
CA PRO B 46 -23.96 -13.11 24.23
C PRO B 46 -23.45 -11.73 24.72
N ASP B 47 -23.41 -11.50 26.03
CA ASP B 47 -22.91 -10.24 26.57
C ASP B 47 -21.38 -10.25 26.19
N PRO B 48 -20.87 -9.15 25.61
CA PRO B 48 -19.56 -9.21 25.00
C PRO B 48 -18.36 -9.12 25.99
N SER B 49 -17.17 -9.45 25.44
CA SER B 49 -15.93 -9.32 26.13
C SER B 49 -14.89 -9.02 25.16
N VAL B 50 -13.72 -8.57 25.65
CA VAL B 50 -12.56 -8.46 24.74
C VAL B 50 -12.22 -9.73 24.02
N SER B 51 -12.17 -10.83 24.79
CA SER B 51 -11.88 -12.17 24.24
CA SER B 51 -11.82 -12.15 24.19
C SER B 51 -12.83 -12.53 23.11
N PHE B 52 -14.11 -12.30 23.40
CA PHE B 52 -15.15 -12.60 22.40
C PHE B 52 -15.03 -11.78 21.09
N LEU B 53 -14.63 -10.51 21.27
CA LEU B 53 -14.42 -9.63 20.10
C LEU B 53 -13.19 -10.02 19.30
N GLU B 54 -12.13 -10.47 20.02
CA GLU B 54 -10.92 -10.79 19.38
C GLU B 54 -10.74 -12.20 18.87
N ALA B 55 -11.64 -13.11 19.23
CA ALA B 55 -11.74 -14.47 18.61
C ALA B 55 -11.99 -14.40 17.08
N ASP B 56 -11.54 -15.37 16.32
CA ASP B 56 -11.64 -15.36 14.83
C ASP B 56 -13.15 -15.18 14.43
N ARG B 57 -14.06 -15.79 15.18
CA ARG B 57 -15.49 -15.76 14.87
C ARG B 57 -16.29 -15.53 16.11
N GLY B 58 -17.40 -14.81 15.93
CA GLY B 58 -18.46 -14.68 16.92
C GLY B 58 -19.28 -15.92 17.14
N GLN B 59 -20.53 -15.69 17.49
CA GLN B 59 -21.32 -16.85 17.94
C GLN B 59 -21.96 -17.65 16.82
N TYR B 60 -22.15 -17.07 15.61
CA TYR B 60 -22.76 -17.77 14.53
C TYR B 60 -21.77 -18.39 13.53
N SER B 61 -22.09 -19.58 13.01
CA SER B 61 -21.45 -20.13 11.79
C SER B 61 -21.82 -19.24 10.62
N VAL B 62 -20.99 -19.33 9.56
CA VAL B 62 -21.17 -18.44 8.41
C VAL B 62 -21.19 -19.26 7.12
N ARG B 63 -22.08 -18.86 6.18
CA ARG B 63 -22.05 -19.32 4.80
C ARG B 63 -21.86 -18.14 3.84
N SER B 64 -21.52 -18.45 2.61
CA SER B 64 -21.38 -17.37 1.62
C SER B 64 -22.05 -17.74 0.33
N SER B 65 -22.32 -16.74 -0.43
CA SER B 65 -22.93 -16.87 -1.78
C SER B 65 -22.27 -15.90 -2.72
N ARG B 66 -21.90 -16.36 -3.92
CA ARG B 66 -21.26 -15.53 -4.95
C ARG B 66 -22.27 -14.65 -5.70
N VAL B 67 -21.93 -13.42 -5.90
CA VAL B 67 -22.66 -12.49 -6.71
C VAL B 67 -21.82 -12.28 -8.04
N SER B 68 -22.43 -12.62 -9.18
CA SER B 68 -21.82 -12.45 -10.48
C SER B 68 -21.41 -11.06 -10.75
N SER B 69 -20.23 -10.93 -11.39
CA SER B 69 -19.81 -9.60 -11.87
C SER B 69 -20.75 -9.01 -12.92
N LEU B 70 -21.64 -9.82 -13.50
CA LEU B 70 -22.64 -9.32 -14.43
C LEU B 70 -23.77 -8.51 -13.67
N VAL B 71 -23.81 -8.55 -12.37
CA VAL B 71 -24.77 -7.71 -11.62
C VAL B 71 -24.65 -6.24 -12.05
N SER B 72 -25.77 -5.55 -12.16
CA SER B 72 -25.80 -4.20 -12.61
C SER B 72 -25.33 -3.23 -11.50
N GLY B 73 -24.42 -2.35 -11.81
CA GLY B 73 -24.11 -1.32 -10.83
C GLY B 73 -22.81 -1.45 -10.03
N PHE B 74 -22.21 -2.59 -10.07
CA PHE B 74 -20.96 -2.86 -9.37
C PHE B 74 -20.36 -4.16 -9.94
N GLY B 75 -19.21 -4.63 -9.44
CA GLY B 75 -18.52 -5.71 -10.06
C GLY B 75 -18.66 -7.08 -9.43
N GLY B 76 -19.78 -7.30 -8.78
CA GLY B 76 -20.05 -8.54 -8.13
C GLY B 76 -19.41 -8.61 -6.76
N GLY B 77 -19.45 -9.78 -6.14
CA GLY B 77 -18.87 -9.89 -4.81
C GLY B 77 -19.32 -11.17 -4.15
N THR B 78 -19.30 -11.17 -2.81
CA THR B 78 -19.66 -12.36 -2.06
C THR B 78 -20.50 -11.89 -0.89
N ILE B 79 -21.63 -12.57 -0.68
CA ILE B 79 -22.47 -12.22 0.48
C ILE B 79 -22.10 -13.28 1.54
N TYR B 80 -21.76 -12.83 2.71
CA TYR B 80 -21.52 -13.66 3.90
C TYR B 80 -22.64 -13.49 4.87
N TYR B 81 -23.18 -14.61 5.44
CA TYR B 81 -24.32 -14.46 6.31
C TYR B 81 -24.30 -15.61 7.33
N PRO B 82 -24.84 -15.30 8.51
CA PRO B 82 -24.87 -16.33 9.56
C PRO B 82 -25.99 -17.33 9.37
N THR B 83 -25.70 -18.57 9.79
CA THR B 83 -26.69 -19.65 9.69
C THR B 83 -27.38 -19.85 11.05
N GLY B 84 -28.59 -20.41 11.03
CA GLY B 84 -29.31 -20.87 12.25
C GLY B 84 -29.90 -19.73 13.05
N THR B 85 -30.19 -18.62 12.36
CA THR B 85 -30.76 -17.45 12.98
C THR B 85 -32.21 -17.35 12.57
N THR B 86 -32.91 -16.47 13.26
CA THR B 86 -34.23 -16.05 12.82
C THR B 86 -34.34 -14.53 12.96
N GLY B 87 -35.37 -13.91 12.39
CA GLY B 87 -35.49 -12.52 12.44
C GLY B 87 -34.49 -11.85 11.47
N THR B 88 -34.50 -10.57 11.61
CA THR B 88 -33.73 -9.71 10.69
C THR B 88 -32.54 -9.05 11.31
N MET B 89 -31.64 -8.54 10.51
CA MET B 89 -30.33 -8.09 11.04
C MET B 89 -29.82 -6.97 10.12
N GLY B 90 -28.84 -6.25 10.60
CA GLY B 90 -28.22 -5.21 9.80
C GLY B 90 -27.43 -5.76 8.66
N ALA B 91 -27.13 -4.93 7.63
CA ALA B 91 -26.34 -5.43 6.51
C ALA B 91 -25.28 -4.35 6.20
N VAL B 92 -24.18 -4.87 5.73
CA VAL B 92 -23.00 -4.01 5.49
C VAL B 92 -22.40 -4.34 4.13
N VAL B 93 -22.01 -3.27 3.41
CA VAL B 93 -21.20 -3.43 2.21
C VAL B 93 -19.73 -3.05 2.56
N VAL B 94 -18.79 -3.86 1.99
CA VAL B 94 -17.36 -3.59 2.17
C VAL B 94 -16.77 -3.47 0.76
N ILE B 95 -16.11 -2.28 0.56
CA ILE B 95 -15.58 -1.95 -0.78
C ILE B 95 -14.06 -1.69 -0.72
N PRO B 96 -13.31 -2.16 -1.75
CA PRO B 96 -11.87 -1.90 -1.83
C PRO B 96 -11.51 -0.54 -2.45
N GLY B 97 -10.15 -0.37 -2.58
CA GLY B 97 -9.58 0.88 -3.30
C GLY B 97 -9.01 0.48 -4.66
N PHE B 98 -8.17 1.38 -5.20
CA PHE B 98 -7.65 1.36 -6.51
C PHE B 98 -6.95 0.02 -6.67
N VAL B 99 -7.23 -0.48 -7.91
CA VAL B 99 -6.77 -1.79 -8.47
C VAL B 99 -6.89 -2.96 -7.58
N SER B 100 -7.77 -2.94 -6.55
CA SER B 100 -7.89 -3.99 -5.61
C SER B 100 -9.19 -4.60 -5.72
N ALA B 101 -9.16 -5.90 -5.45
CA ALA B 101 -10.41 -6.66 -5.58
C ALA B 101 -10.97 -6.99 -4.21
N GLU B 102 -12.06 -7.71 -4.13
CA GLU B 102 -12.68 -8.06 -2.86
C GLU B 102 -11.70 -8.79 -1.96
N SER B 103 -10.76 -9.59 -2.47
CA SER B 103 -9.92 -10.32 -1.60
C SER B 103 -9.12 -9.38 -0.72
N SER B 104 -8.84 -8.13 -1.11
CA SER B 104 -8.08 -7.24 -0.26
C SER B 104 -8.73 -6.84 1.05
N ILE B 105 -10.08 -6.86 1.10
CA ILE B 105 -10.86 -6.37 2.22
C ILE B 105 -11.79 -7.47 2.79
N ASP B 106 -11.65 -8.72 2.30
CA ASP B 106 -12.72 -9.68 2.70
C ASP B 106 -12.56 -10.28 4.10
N TRP B 107 -11.50 -9.97 4.81
CA TRP B 107 -11.46 -10.35 6.24
C TRP B 107 -12.75 -9.92 6.95
N TRP B 108 -13.25 -8.71 6.58
CA TRP B 108 -14.39 -8.17 7.26
C TRP B 108 -15.69 -9.03 7.05
N GLY B 109 -15.74 -9.75 5.97
CA GLY B 109 -16.97 -10.52 5.61
C GLY B 109 -17.38 -11.61 6.59
N PRO B 110 -16.59 -12.63 6.74
CA PRO B 110 -16.95 -13.67 7.70
C PRO B 110 -16.80 -13.19 9.11
N LYS B 111 -15.83 -12.33 9.35
CA LYS B 111 -15.73 -11.78 10.69
C LYS B 111 -16.95 -11.13 11.20
N LEU B 112 -17.42 -10.17 10.47
CA LEU B 112 -18.58 -9.41 10.92
C LEU B 112 -19.88 -10.25 10.87
N ALA B 113 -20.00 -11.07 9.80
CA ALA B 113 -21.25 -11.83 9.65
C ALA B 113 -21.43 -12.80 10.85
N SER B 114 -20.29 -13.30 11.39
CA SER B 114 -20.26 -14.30 12.51
C SER B 114 -20.87 -13.73 13.78
N TYR B 115 -20.97 -12.38 13.89
CA TYR B 115 -21.57 -11.66 15.07
C TYR B 115 -23.10 -11.38 14.90
N GLY B 116 -23.58 -11.51 13.65
CA GLY B 116 -24.97 -11.25 13.34
C GLY B 116 -25.23 -10.09 12.35
N PHE B 117 -24.65 -10.17 11.15
CA PHE B 117 -24.90 -9.23 10.07
C PHE B 117 -24.83 -9.97 8.78
N VAL B 118 -25.54 -9.40 7.80
CA VAL B 118 -25.29 -9.86 6.45
C VAL B 118 -24.23 -8.93 5.83
N VAL B 119 -23.15 -9.45 5.28
CA VAL B 119 -22.00 -8.57 4.84
C VAL B 119 -21.64 -9.02 3.39
N MET B 120 -21.67 -8.02 2.51
CA MET B 120 -21.28 -8.30 1.12
C MET B 120 -20.00 -7.55 0.80
N THR B 121 -18.95 -8.32 0.48
CA THR B 121 -17.71 -7.74 0.04
C THR B 121 -17.76 -7.67 -1.51
N ILE B 122 -17.42 -6.49 -2.02
CA ILE B 122 -17.63 -6.26 -3.44
C ILE B 122 -16.38 -6.00 -4.21
N ASP B 123 -16.48 -6.24 -5.51
CA ASP B 123 -15.56 -5.68 -6.49
C ASP B 123 -16.25 -4.48 -7.15
N THR B 124 -15.43 -3.56 -7.65
CA THR B 124 -15.95 -2.44 -8.40
C THR B 124 -15.94 -2.77 -9.88
N ASN B 125 -16.52 -1.91 -10.67
CA ASN B 125 -16.57 -2.12 -12.15
C ASN B 125 -15.17 -2.23 -12.70
N THR B 126 -14.28 -1.30 -12.32
CA THR B 126 -12.86 -1.38 -12.73
C THR B 126 -11.98 -1.05 -11.55
N GLY B 127 -10.72 -1.46 -11.66
CA GLY B 127 -9.81 -1.20 -10.56
C GLY B 127 -9.47 0.32 -10.45
N PHE B 128 -9.68 1.09 -11.52
CA PHE B 128 -9.33 2.54 -11.51
C PHE B 128 -10.47 3.52 -11.21
N ASP B 129 -11.55 2.96 -10.68
CA ASP B 129 -12.73 3.79 -10.33
C ASP B 129 -12.33 4.67 -9.16
N GLN B 130 -12.70 5.95 -9.25
CA GLN B 130 -12.36 6.99 -8.31
C GLN B 130 -13.55 7.17 -7.25
N PRO B 131 -13.33 8.04 -6.22
CA PRO B 131 -14.31 8.04 -5.14
C PRO B 131 -15.74 8.36 -5.54
N PRO B 132 -16.04 9.32 -6.48
CA PRO B 132 -17.45 9.51 -6.91
C PRO B 132 -18.08 8.20 -7.46
N SER B 133 -17.36 7.50 -8.32
CA SER B 133 -17.85 6.27 -8.90
C SER B 133 -18.00 5.17 -7.79
N ARG B 134 -17.01 5.10 -6.89
CA ARG B 134 -17.12 4.13 -5.85
C ARG B 134 -18.35 4.41 -4.96
N ALA B 135 -18.65 5.68 -4.68
CA ALA B 135 -19.85 6.00 -3.88
C ALA B 135 -21.15 5.49 -4.61
N ARG B 136 -21.19 5.77 -5.96
CA ARG B 136 -22.32 5.22 -6.69
C ARG B 136 -22.46 3.73 -6.62
N GLN B 137 -21.31 3.01 -6.67
CA GLN B 137 -21.37 1.60 -6.59
C GLN B 137 -21.65 0.99 -5.20
N ILE B 138 -21.25 1.73 -4.16
CA ILE B 138 -21.65 1.39 -2.82
C ILE B 138 -23.18 1.47 -2.81
N ASN B 139 -23.77 2.54 -3.30
CA ASN B 139 -25.25 2.66 -3.30
C ASN B 139 -25.89 1.61 -4.11
N ASN B 140 -25.33 1.21 -5.23
CA ASN B 140 -25.89 0.16 -6.02
C ASN B 140 -25.84 -1.20 -5.29
N ALA B 141 -24.73 -1.45 -4.58
CA ALA B 141 -24.57 -2.70 -3.82
C ALA B 141 -25.54 -2.75 -2.60
N LEU B 142 -25.78 -1.61 -1.95
CA LEU B 142 -26.76 -1.51 -0.89
C LEU B 142 -28.16 -1.78 -1.48
N ASP B 143 -28.47 -1.19 -2.63
CA ASP B 143 -29.74 -1.46 -3.28
C ASP B 143 -29.90 -2.95 -3.59
N TYR B 144 -28.86 -3.61 -4.06
CA TYR B 144 -28.85 -4.98 -4.35
C TYR B 144 -29.24 -5.79 -3.10
N LEU B 145 -28.60 -5.49 -1.98
CA LEU B 145 -28.90 -6.20 -0.75
C LEU B 145 -30.30 -6.00 -0.29
N VAL B 146 -30.82 -4.79 -0.34
CA VAL B 146 -32.24 -4.51 -0.03
C VAL B 146 -33.12 -5.37 -0.94
N SER B 147 -32.81 -5.43 -2.23
CA SER B 147 -33.60 -6.21 -3.19
C SER B 147 -33.54 -7.70 -2.86
N GLN B 148 -32.39 -8.19 -2.42
CA GLN B 148 -32.22 -9.62 -2.09
C GLN B 148 -33.21 -10.05 -1.00
N ASN B 149 -33.42 -9.19 -0.03
CA ASN B 149 -34.26 -9.50 1.09
C ASN B 149 -35.63 -9.90 0.66
N SER B 150 -36.15 -9.40 -0.46
CA SER B 150 -37.47 -9.76 -0.94
C SER B 150 -37.51 -10.88 -1.94
N ARG B 151 -36.36 -11.31 -2.44
CA ARG B 151 -36.28 -12.38 -3.51
C ARG B 151 -36.35 -13.80 -3.00
N SER B 152 -37.34 -14.59 -3.45
CA SER B 152 -37.44 -15.93 -2.96
C SER B 152 -36.22 -16.77 -3.35
N SER B 153 -35.47 -16.46 -4.39
CA SER B 153 -34.27 -17.21 -4.74
C SER B 153 -33.10 -16.87 -3.79
N SER B 154 -33.20 -15.80 -2.99
CA SER B 154 -32.00 -15.39 -2.25
C SER B 154 -31.69 -16.18 -0.98
N PRO B 155 -30.41 -16.54 -0.74
CA PRO B 155 -30.02 -17.13 0.56
C PRO B 155 -30.28 -16.24 1.76
N VAL B 156 -30.41 -14.92 1.53
CA VAL B 156 -30.64 -14.01 2.61
C VAL B 156 -32.06 -13.40 2.58
N ARG B 157 -32.99 -14.10 1.88
CA ARG B 157 -34.37 -13.70 1.77
C ARG B 157 -34.84 -13.57 3.27
N GLY B 158 -35.45 -12.45 3.60
CA GLY B 158 -36.03 -12.10 4.91
C GLY B 158 -35.09 -11.91 6.04
N MET B 159 -33.75 -11.84 5.75
CA MET B 159 -32.75 -11.70 6.81
CA MET B 159 -32.81 -11.66 6.83
C MET B 159 -32.39 -10.23 7.12
N ILE B 160 -32.73 -9.26 6.20
CA ILE B 160 -32.15 -7.93 6.25
C ILE B 160 -33.18 -6.91 6.75
N ASP B 161 -32.90 -6.19 7.82
CA ASP B 161 -33.51 -4.94 8.12
C ASP B 161 -32.93 -3.86 7.28
N THR B 162 -33.70 -3.43 6.31
CA THR B 162 -33.21 -2.53 5.30
C THR B 162 -32.99 -1.09 5.85
N ASN B 163 -33.50 -0.81 7.03
CA ASN B 163 -33.25 0.41 7.75
C ASN B 163 -31.95 0.46 8.48
N ARG B 164 -31.21 -0.65 8.57
CA ARG B 164 -29.95 -0.68 9.41
C ARG B 164 -28.78 -1.17 8.57
N LEU B 165 -28.28 -0.25 7.75
CA LEU B 165 -27.24 -0.49 6.73
C LEU B 165 -25.94 0.22 7.10
N GLY B 166 -24.83 -0.49 6.93
CA GLY B 166 -23.52 0.11 7.14
C GLY B 166 -22.64 -0.07 5.94
N VAL B 167 -21.47 0.70 5.96
CA VAL B 167 -20.53 0.61 4.89
C VAL B 167 -19.11 0.69 5.43
N ILE B 168 -18.23 -0.17 4.91
CA ILE B 168 -16.81 -0.16 5.26
C ILE B 168 -16.13 -0.05 3.88
N GLY B 169 -15.08 0.84 3.84
CA GLY B 169 -14.46 1.11 2.57
C GLY B 169 -13.00 1.54 2.67
N TRP B 170 -12.18 1.00 1.81
CA TRP B 170 -10.73 1.25 1.83
C TRP B 170 -10.31 2.28 0.83
N SER B 171 -9.58 3.32 1.33
CA SER B 171 -8.79 4.21 0.39
C SER B 171 -9.80 5.01 -0.47
N MET B 172 -9.75 4.94 -1.82
CA MET B 172 -10.75 5.64 -2.60
CA MET B 172 -10.75 5.68 -2.57
C MET B 172 -12.13 5.10 -2.29
N GLY B 173 -12.26 3.82 -1.86
CA GLY B 173 -13.51 3.31 -1.44
C GLY B 173 -13.94 3.90 -0.07
N GLY B 174 -12.97 4.33 0.75
CA GLY B 174 -13.25 5.09 1.94
C GLY B 174 -13.68 6.55 1.70
N GLY B 175 -13.11 7.18 0.67
CA GLY B 175 -13.72 8.43 0.21
C GLY B 175 -15.15 8.23 -0.28
N GLY B 176 -15.35 7.12 -1.01
CA GLY B 176 -16.73 6.75 -1.34
C GLY B 176 -17.65 6.58 -0.13
N THR B 177 -17.09 5.91 0.91
CA THR B 177 -17.86 5.67 2.14
C THR B 177 -18.31 6.98 2.80
N LEU B 178 -17.41 7.97 2.85
CA LEU B 178 -17.76 9.26 3.37
C LEU B 178 -18.79 10.01 2.50
N ARG B 179 -18.71 9.86 1.18
CA ARG B 179 -19.71 10.40 0.29
C ARG B 179 -21.09 9.76 0.63
N VAL B 180 -21.15 8.44 0.76
CA VAL B 180 -22.40 7.83 1.08
C VAL B 180 -22.89 8.20 2.45
N ALA B 181 -22.00 8.33 3.40
CA ALA B 181 -22.36 8.69 4.75
C ALA B 181 -23.11 10.06 4.80
N SER B 182 -22.70 10.98 3.88
CA SER B 182 -23.37 12.29 3.75
C SER B 182 -24.78 12.24 3.24
N GLU B 183 -25.16 11.16 2.62
CA GLU B 183 -26.42 11.05 1.88
C GLU B 183 -27.61 10.80 2.79
N GLY B 184 -27.44 10.20 3.99
CA GLY B 184 -28.52 10.11 4.95
C GLY B 184 -29.24 8.79 5.06
N ARG B 185 -28.87 7.78 4.28
CA ARG B 185 -29.50 6.44 4.33
C ARG B 185 -28.75 5.46 5.24
N ILE B 186 -27.42 5.44 5.20
CA ILE B 186 -26.72 4.49 6.05
C ILE B 186 -26.62 4.98 7.48
N LYS B 187 -26.47 3.98 8.40
CA LYS B 187 -26.53 4.29 9.84
C LYS B 187 -25.12 4.05 10.45
N ALA B 188 -24.10 3.64 9.67
CA ALA B 188 -22.79 3.52 10.25
C ALA B 188 -21.81 3.51 9.07
N ALA B 189 -20.62 4.12 9.30
CA ALA B 189 -19.59 4.25 8.23
C ALA B 189 -18.21 3.97 8.91
N ILE B 190 -17.42 3.13 8.20
CA ILE B 190 -16.04 2.90 8.62
C ILE B 190 -15.11 3.03 7.41
N PRO B 191 -14.58 4.29 7.19
CA PRO B 191 -13.49 4.44 6.17
C PRO B 191 -12.20 3.91 6.71
N LEU B 192 -11.55 3.13 5.89
CA LEU B 192 -10.23 2.54 6.17
C LEU B 192 -9.21 3.27 5.32
N ALA B 193 -8.28 3.98 5.99
CA ALA B 193 -7.24 4.68 5.29
C ALA B 193 -7.84 5.45 4.08
N PRO B 194 -8.84 6.28 4.37
CA PRO B 194 -9.56 6.90 3.27
C PRO B 194 -8.71 7.85 2.42
N TRP B 195 -9.09 7.98 1.13
CA TRP B 195 -8.48 8.90 0.19
C TRP B 195 -9.59 9.65 -0.51
N ASP B 196 -9.46 10.99 -0.57
CA ASP B 196 -10.34 11.77 -1.40
C ASP B 196 -9.69 13.12 -1.68
N THR B 197 -10.34 13.90 -2.53
CA THR B 197 -9.79 15.17 -2.94
C THR B 197 -10.37 16.39 -2.17
N THR B 198 -11.31 16.10 -1.27
CA THR B 198 -12.03 17.11 -0.51
C THR B 198 -12.52 16.56 0.80
N SER B 199 -12.65 17.43 1.76
CA SER B 199 -13.29 17.15 3.07
C SER B 199 -14.79 17.45 3.03
N TYR B 200 -15.33 17.92 1.89
CA TYR B 200 -16.73 18.34 1.82
C TYR B 200 -17.69 17.28 2.37
N TYR B 201 -17.50 16.06 1.94
CA TYR B 201 -18.47 15.02 2.25
C TYR B 201 -18.31 14.60 3.71
N ALA B 202 -17.08 14.47 4.20
CA ALA B 202 -16.88 14.23 5.63
C ALA B 202 -17.61 15.32 6.52
N SER B 203 -17.52 16.56 6.08
CA SER B 203 -18.05 17.68 6.80
C SER B 203 -19.62 17.60 6.84
N ARG B 204 -20.23 16.79 5.94
CA ARG B 204 -21.66 16.58 5.86
C ARG B 204 -22.12 15.17 6.27
N SER B 205 -21.24 14.39 6.92
CA SER B 205 -21.62 13.05 7.35
C SER B 205 -22.87 13.10 8.26
N GLN B 206 -23.78 12.17 7.92
CA GLN B 206 -25.03 11.96 8.65
C GLN B 206 -25.08 10.65 9.40
N ALA B 207 -23.96 9.93 9.37
CA ALA B 207 -23.87 8.60 10.05
C ALA B 207 -22.71 8.57 11.01
N PRO B 208 -22.86 7.81 12.07
CA PRO B 208 -21.72 7.56 12.98
C PRO B 208 -20.54 6.98 12.23
N THR B 209 -19.38 7.71 12.35
CA THR B 209 -18.20 7.47 11.51
C THR B 209 -16.96 7.15 12.34
N LEU B 210 -16.39 5.99 12.06
CA LEU B 210 -15.11 5.52 12.69
C LEU B 210 -14.14 5.42 11.52
N ILE B 211 -13.09 6.28 11.64
CA ILE B 211 -12.03 6.28 10.68
C ILE B 211 -10.83 5.54 11.26
N PHE B 212 -10.39 4.52 10.49
CA PHE B 212 -9.09 3.91 10.84
C PHE B 212 -8.03 4.58 9.97
N ALA B 213 -7.00 5.12 10.61
CA ALA B 213 -5.87 5.74 9.97
C ALA B 213 -4.66 4.83 10.12
N CYS B 214 -3.77 4.91 9.13
CA CYS B 214 -2.56 4.04 9.12
C CYS B 214 -1.38 5.02 9.24
N GLU B 215 -0.69 5.03 10.40
CA GLU B 215 0.18 6.14 10.73
C GLU B 215 1.16 6.46 9.62
N SER B 216 1.82 5.42 9.07
CA SER B 216 2.90 5.59 8.17
C SER B 216 2.46 5.64 6.72
N ASP B 217 1.16 5.72 6.45
CA ASP B 217 0.59 5.69 5.05
C ASP B 217 1.26 6.79 4.20
N VAL B 218 1.76 6.38 3.06
CA VAL B 218 2.30 7.28 2.04
C VAL B 218 1.50 7.31 0.79
N ILE B 219 0.37 6.60 0.76
CA ILE B 219 -0.56 6.55 -0.35
C ILE B 219 -1.73 7.50 -0.07
N ALA B 220 -2.34 7.36 1.09
CA ALA B 220 -3.32 8.28 1.60
C ALA B 220 -2.83 8.89 2.91
N PRO B 221 -1.83 9.76 2.85
CA PRO B 221 -1.17 10.19 4.10
C PRO B 221 -2.20 10.73 5.08
N VAL B 222 -2.08 10.32 6.33
CA VAL B 222 -2.99 10.74 7.39
C VAL B 222 -3.18 12.26 7.45
N LEU B 223 -2.07 13.02 7.35
CA LEU B 223 -2.12 14.44 7.46
C LEU B 223 -3.00 15.07 6.38
N GLN B 224 -3.04 14.43 5.21
CA GLN B 224 -3.76 15.05 4.10
C GLN B 224 -5.16 14.47 3.90
N HIS B 225 -5.47 13.31 4.52
CA HIS B 225 -6.67 12.54 4.28
C HIS B 225 -7.37 12.21 5.59
N ALA B 226 -7.02 11.06 6.21
CA ALA B 226 -7.79 10.64 7.36
C ALA B 226 -7.96 11.72 8.45
N SER B 227 -6.84 12.40 8.82
CA SER B 227 -6.98 13.38 9.87
C SER B 227 -7.89 14.59 9.55
N PRO B 228 -7.68 15.26 8.44
CA PRO B 228 -8.61 16.36 8.12
C PRO B 228 -10.04 15.84 7.91
N PHE B 229 -10.18 14.67 7.35
CA PHE B 229 -11.55 14.14 7.20
C PHE B 229 -12.22 14.01 8.61
N TYR B 230 -11.51 13.36 9.51
CA TYR B 230 -12.01 13.21 10.87
C TYR B 230 -12.34 14.51 11.52
N ASN B 231 -11.43 15.48 11.37
CA ASN B 231 -11.59 16.75 12.01
C ASN B 231 -12.73 17.57 11.41
N SER B 232 -13.16 17.25 10.21
CA SER B 232 -14.28 17.91 9.54
C SER B 232 -15.58 17.39 9.96
N LEU B 233 -15.64 16.18 10.54
CA LEU B 233 -16.92 15.47 10.82
C LEU B 233 -17.76 16.37 11.78
N PRO B 234 -19.11 16.36 11.58
CA PRO B 234 -20.00 17.09 12.49
C PRO B 234 -19.91 16.73 13.92
N SER B 235 -20.24 17.65 14.80
CA SER B 235 -20.17 17.37 16.25
C SER B 235 -21.39 16.57 16.68
N SER B 236 -22.40 16.50 15.80
CA SER B 236 -23.66 15.86 16.15
C SER B 236 -23.80 14.38 15.87
N ILE B 237 -22.75 13.72 15.45
CA ILE B 237 -22.71 12.29 15.20
C ILE B 237 -21.67 11.70 16.14
N ASP B 238 -21.89 10.43 16.47
CA ASP B 238 -20.83 9.64 17.16
C ASP B 238 -19.68 9.51 16.18
N LYS B 239 -18.45 9.68 16.66
CA LYS B 239 -17.27 9.57 15.77
C LYS B 239 -16.04 9.14 16.52
N ALA B 240 -15.15 8.53 15.78
CA ALA B 240 -13.86 8.11 16.32
C ALA B 240 -12.84 8.08 15.21
N PHE B 241 -11.57 8.26 15.68
CA PHE B 241 -10.34 8.23 14.84
C PHE B 241 -9.39 7.28 15.58
N VAL B 242 -9.02 6.22 14.89
CA VAL B 242 -8.10 5.26 15.50
C VAL B 242 -6.95 5.13 14.52
N GLU B 243 -5.76 5.58 14.98
CA GLU B 243 -4.57 5.51 14.11
C GLU B 243 -3.72 4.29 14.58
N ILE B 244 -3.44 3.36 13.64
CA ILE B 244 -2.66 2.21 13.86
C ILE B 244 -1.17 2.54 13.75
N ASN B 245 -0.45 2.32 14.84
CA ASN B 245 1.00 2.66 15.00
C ASN B 245 1.84 2.00 13.93
N GLY B 246 2.55 2.88 13.20
CA GLY B 246 3.43 2.43 12.16
C GLY B 246 2.76 1.80 10.96
N GLY B 247 1.44 1.90 10.83
CA GLY B 247 0.76 1.12 9.81
C GLY B 247 0.91 1.67 8.41
N SER B 248 1.11 0.75 7.45
CA SER B 248 1.07 1.15 6.05
C SER B 248 -0.36 1.18 5.55
N HIS B 249 -0.57 1.53 4.27
CA HIS B 249 -1.87 1.84 3.74
C HIS B 249 -2.93 0.77 3.89
N SER B 250 -2.58 -0.52 3.90
CA SER B 250 -3.51 -1.62 4.03
C SER B 250 -3.79 -1.94 5.51
N CYS B 251 -3.41 -1.11 6.46
CA CYS B 251 -3.52 -1.54 7.87
C CYS B 251 -4.92 -1.82 8.39
N GLY B 252 -5.94 -1.21 7.77
CA GLY B 252 -7.32 -1.39 8.25
C GLY B 252 -8.03 -2.58 7.59
N ASN B 253 -7.36 -3.31 6.67
CA ASN B 253 -8.05 -4.25 5.81
C ASN B 253 -8.43 -5.54 6.53
N GLY B 254 -7.73 -5.89 7.59
CA GLY B 254 -7.88 -7.20 8.24
C GLY B 254 -7.01 -8.22 7.62
N GLY B 255 -6.78 -9.28 8.41
CA GLY B 255 -6.09 -10.48 7.88
C GLY B 255 -4.57 -10.43 8.07
N SER B 256 -4.08 -9.47 8.85
CA SER B 256 -2.70 -9.32 9.09
C SER B 256 -2.49 -9.28 10.63
N ILE B 257 -1.67 -8.35 11.12
CA ILE B 257 -1.28 -8.29 12.50
C ILE B 257 -2.05 -7.34 13.37
N TYR B 258 -3.14 -6.77 12.80
CA TYR B 258 -3.90 -5.71 13.49
C TYR B 258 -5.33 -6.09 13.85
N ASN B 259 -5.60 -7.40 13.77
CA ASN B 259 -7.01 -7.80 13.89
C ASN B 259 -7.58 -7.47 15.23
N ASP B 260 -6.85 -7.51 16.34
CA ASP B 260 -7.43 -7.16 17.63
C ASP B 260 -8.05 -5.75 17.71
N VAL B 261 -7.30 -4.79 17.20
CA VAL B 261 -7.79 -3.41 17.22
C VAL B 261 -9.00 -3.31 16.30
N LEU B 262 -8.89 -3.86 15.09
CA LEU B 262 -9.96 -3.79 14.07
C LEU B 262 -11.23 -4.42 14.62
N SER B 263 -11.06 -5.53 15.32
CA SER B 263 -12.24 -6.22 15.89
C SER B 263 -12.87 -5.41 16.95
N ARG B 264 -12.10 -5.02 17.96
CA ARG B 264 -12.66 -4.26 19.06
C ARG B 264 -13.43 -3.04 18.65
N PHE B 265 -12.82 -2.24 17.80
CA PHE B 265 -13.47 -1.00 17.34
C PHE B 265 -14.56 -1.29 16.28
N GLY B 266 -14.19 -2.07 15.28
CA GLY B 266 -15.13 -2.20 14.13
C GLY B 266 -16.36 -3.08 14.40
N VAL B 267 -16.22 -4.17 15.07
CA VAL B 267 -17.40 -4.95 15.41
C VAL B 267 -18.27 -4.17 16.38
N SER B 268 -17.66 -3.51 17.39
CA SER B 268 -18.35 -2.62 18.32
C SER B 268 -19.15 -1.49 17.61
N TRP B 269 -18.43 -0.89 16.64
CA TRP B 269 -19.03 0.19 15.94
C TRP B 269 -20.35 -0.24 15.24
N MET B 270 -20.36 -1.36 14.60
CA MET B 270 -21.60 -1.89 13.92
C MET B 270 -22.61 -2.28 14.95
N LYS B 271 -22.20 -3.00 15.98
CA LYS B 271 -23.14 -3.35 17.04
C LYS B 271 -23.83 -2.12 17.66
N LEU B 272 -23.10 -1.06 17.98
CA LEU B 272 -23.63 0.08 18.67
C LEU B 272 -24.53 0.83 17.66
N HIS B 273 -24.12 1.00 16.41
CA HIS B 273 -24.82 1.93 15.52
C HIS B 273 -25.85 1.32 14.65
N LEU B 274 -25.63 0.11 14.23
CA LEU B 274 -26.65 -0.64 13.53
C LEU B 274 -27.65 -1.38 14.45
N ASP B 275 -27.18 -1.95 15.55
CA ASP B 275 -28.09 -2.67 16.43
C ASP B 275 -28.57 -1.84 17.65
N GLU B 276 -28.02 -0.63 17.86
CA GLU B 276 -28.34 0.11 19.03
C GLU B 276 -27.98 -0.75 20.30
N ASP B 277 -26.86 -1.50 20.20
CA ASP B 277 -26.51 -2.43 21.27
C ASP B 277 -25.53 -1.75 22.21
N SER B 278 -26.04 -1.21 23.34
CA SER B 278 -25.24 -0.46 24.26
C SER B 278 -24.24 -1.27 25.02
N ARG B 279 -24.34 -2.62 24.91
CA ARG B 279 -23.35 -3.48 25.54
C ARG B 279 -21.92 -3.29 24.98
N TYR B 280 -21.88 -2.69 23.79
CA TYR B 280 -20.62 -2.57 23.06
C TYR B 280 -19.97 -1.16 23.26
N LYS B 281 -20.65 -0.26 23.96
CA LYS B 281 -20.06 1.04 24.36
C LYS B 281 -18.76 0.88 25.11
N GLN B 282 -18.72 -0.09 26.02
CA GLN B 282 -17.56 -0.24 26.89
C GLN B 282 -16.23 -0.43 26.15
N PHE B 283 -16.29 -0.92 24.91
CA PHE B 283 -15.04 -1.08 24.08
C PHE B 283 -14.60 0.22 23.37
N LEU B 284 -15.59 1.11 23.19
CA LEU B 284 -15.34 2.28 22.42
C LEU B 284 -15.02 3.47 23.31
N CYS B 285 -15.56 3.48 24.55
CA CYS B 285 -15.57 4.66 25.42
C CYS B 285 -15.24 4.24 26.84
N GLY B 286 -14.24 4.79 27.40
CA GLY B 286 -13.68 4.45 28.72
C GLY B 286 -12.18 4.07 28.67
N PRO B 287 -11.83 3.23 27.74
CA PRO B 287 -10.38 2.85 27.62
C PRO B 287 -9.54 4.04 27.32
N ASN B 288 -8.36 4.09 27.87
CA ASN B 288 -7.17 5.05 27.43
C ASN B 288 -6.56 4.44 26.20
N HIS B 289 -7.16 4.76 25.04
CA HIS B 289 -6.91 4.00 23.90
C HIS B 289 -5.46 3.85 23.46
N THR B 290 -4.65 4.94 23.58
CA THR B 290 -3.26 4.85 23.17
C THR B 290 -2.41 4.03 24.20
N SER B 291 -3.03 3.46 25.24
CA SER B 291 -2.37 2.40 26.03
CA SER B 291 -2.36 2.43 26.03
C SER B 291 -2.11 1.16 25.21
N ASP B 292 -2.86 0.96 24.13
CA ASP B 292 -2.60 -0.16 23.22
C ASP B 292 -1.34 0.17 22.46
N SER B 293 -0.37 -0.73 22.43
CA SER B 293 0.85 -0.57 21.67
C SER B 293 0.63 -0.38 20.22
N GLN B 294 -0.52 -0.84 19.72
CA GLN B 294 -0.83 -0.71 18.31
C GLN B 294 -1.60 0.57 17.90
N ILE B 295 -1.95 1.38 18.88
CA ILE B 295 -2.71 2.60 18.67
C ILE B 295 -1.84 3.83 19.00
N SER B 296 -1.44 4.53 17.96
CA SER B 296 -0.56 5.65 18.15
C SER B 296 -1.27 6.94 18.42
N ASP B 297 -2.51 7.07 17.92
CA ASP B 297 -3.31 8.29 18.11
C ASP B 297 -4.79 7.90 18.15
N TYR B 298 -5.58 8.66 18.89
CA TYR B 298 -7.02 8.39 19.04
C TYR B 298 -7.73 9.77 19.26
N ARG B 299 -8.91 9.86 18.64
CA ARG B 299 -9.82 10.94 18.90
C ARG B 299 -11.23 10.42 18.92
N GLY B 300 -12.09 11.10 19.72
CA GLY B 300 -13.50 10.68 19.57
C GLY B 300 -14.33 11.64 20.41
N ASN B 301 -15.66 11.44 20.33
CA ASN B 301 -16.57 12.27 21.14
C ASN B 301 -17.42 11.45 22.03
N CYS B 302 -16.79 10.52 22.75
CA CYS B 302 -17.47 9.81 23.82
C CYS B 302 -17.85 10.87 24.91
N PRO B 303 -18.93 10.62 25.67
CA PRO B 303 -19.80 9.42 25.60
C PRO B 303 -20.77 9.47 24.38
N TYR B 304 -21.12 8.28 23.95
CA TYR B 304 -22.04 8.12 22.83
C TYR B 304 -23.51 7.99 23.38
N LEU B 305 -24.27 9.01 23.21
CA LEU B 305 -25.71 8.98 23.68
C LEU B 305 -26.40 9.14 22.41
S SO4 C . 5.63 16.15 -20.08
O1 SO4 C . 5.99 15.02 -19.20
O2 SO4 C . 4.21 16.18 -20.42
O3 SO4 C . 6.01 17.43 -19.36
O4 SO4 C . 6.39 16.06 -21.36
P PO4 D . 1.38 -1.87 -22.61
O1 PO4 D . 1.39 -2.68 -21.44
O2 PO4 D . 0.28 -2.05 -23.52
O3 PO4 D . 0.68 -0.78 -21.90
O4 PO4 D . 2.33 -0.75 -22.80
P PO4 E . 37.06 7.01 -2.28
O1 PO4 E . 35.90 6.85 -1.24
O2 PO4 E . 37.23 5.94 -3.38
O3 PO4 E . 38.44 7.20 -1.79
O4 PO4 E . 36.81 8.29 -3.07
NA NA F . 14.14 -16.55 6.22
CL CL G . -0.01 -4.25 1.76
CL CL H . 1.02 1.45 -7.69
C1 PEG I . -2.16 12.19 -5.61
O1 PEG I . -2.73 13.36 -6.37
C2 PEG I . -0.62 11.90 -5.59
O2 PEG I . 0.56 12.83 -5.32
C3 PEG I . 1.78 12.74 -6.13
C4 PEG I . 2.19 13.99 -6.96
O4 PEG I . 2.57 13.87 -8.40
C1 GOL J . 19.43 -18.90 -15.49
O1 GOL J . 20.51 -17.79 -15.70
C2 GOL J . 18.07 -18.59 -14.76
O2 GOL J . 17.04 -18.80 -15.68
C3 GOL J . 17.60 -19.39 -13.50
O3 GOL J . 18.20 -19.10 -12.15
C1 GOL K . 22.59 0.41 11.70
O1 GOL K . 21.38 0.42 12.67
C2 GOL K . 23.51 1.62 11.85
O2 GOL K . 22.78 2.07 12.97
C3 GOL K . 24.94 1.80 12.36
O3 GOL K . 24.77 2.99 13.19
C ACT L . 24.13 -14.15 -15.61
O ACT L . 24.35 -14.52 -14.34
OXT ACT L . 23.53 -14.90 -16.59
CH3 ACT L . 24.62 -12.87 -16.21
P PO4 M . -16.64 15.97 -6.29
O1 PO4 M . -17.36 14.71 -6.70
O2 PO4 M . -15.37 15.59 -5.69
O3 PO4 M . -17.41 16.72 -5.27
O4 PO4 M . -16.48 16.92 -7.40
NA NA N . -7.35 3.97 -3.63
NA NA O . -5.82 8.39 5.08
CL CL P . 1.83 3.13 2.70
#